data_6XD7
#
_entry.id   6XD7
#
_cell.length_a   56.830
_cell.length_b   59.380
_cell.length_c   77.310
_cell.angle_alpha   90.000
_cell.angle_beta   90.000
_cell.angle_gamma   90.000
#
_symmetry.space_group_name_H-M   'P 2 21 21'
#
loop_
_entity.id
_entity.type
_entity.pdbx_description
1 polymer 'Carbapenem-hydrolyzing beta-lactamase KPC'
2 non-polymer '(2R,4S)-2-[(R)-{[(2R)-2-amino-2-phenylacetyl]amino}(carboxy)methyl]-5,5-dimethyl-1,3-thiazolidine-4-carboxylic acid'
3 non-polymer GLYCEROL
4 water water
#
_entity_poly.entity_id   1
_entity_poly.type   'polypeptide(L)'
_entity_poly.pdbx_seq_one_letter_code
;MSLYRRLVLLSCLSWPLAGFSATALTNLVAEPFAKLEQDFGGSIGVYAMDTGSGATVSYRAEERFPLCSSFKGFLAAAVL
ARSQQQAGLLDTPIRYGKNALVPWSPISEKYLTTGMTVAELSAAAVQYSDNAAANLLLKELGGPAGLTAFMRSIGDTTFR
LDRWELELASAIPGDARDTSSPRAVTESLQKLTLGSALAAPQRQQFVDWLKGNTTGNHRIRAAVPADWAVGDKTGTCGVY
GTANDYAVVWPTGRAPIVLAVYTRAPNKDDKHSEAVIAAAARLALEGLGVNGQ
;
_entity_poly.pdbx_strand_id   A
#
# COMPACT_ATOMS: atom_id res chain seq x y z
N LEU A 25 -2.68 24.92 1.15
CA LEU A 25 -1.78 24.22 0.24
C LEU A 25 -2.61 23.38 -0.71
N THR A 26 -3.68 22.80 -0.16
CA THR A 26 -4.65 22.06 -0.97
C THR A 26 -5.26 22.94 -2.05
N ASN A 27 -5.47 24.22 -1.76
CA ASN A 27 -6.08 25.12 -2.75
C ASN A 27 -5.18 25.30 -3.97
N LEU A 28 -3.86 25.31 -3.78
CA LEU A 28 -2.94 25.51 -4.91
C LEU A 28 -3.18 24.49 -6.01
N VAL A 29 -3.54 23.27 -5.65
CA VAL A 29 -3.65 22.16 -6.59
C VAL A 29 -5.06 21.60 -6.69
N ALA A 30 -6.04 22.19 -5.99
CA ALA A 30 -7.40 21.67 -6.05
C ALA A 30 -7.94 21.67 -7.46
N GLU A 31 -7.65 22.73 -8.23
CA GLU A 31 -8.19 22.80 -9.59
C GLU A 31 -7.49 21.83 -10.52
N PRO A 32 -6.16 21.71 -10.54
CA PRO A 32 -5.55 20.67 -11.40
C PRO A 32 -5.88 19.23 -10.99
N PHE A 33 -6.12 18.95 -9.71
CA PHE A 33 -6.59 17.60 -9.36
C PHE A 33 -7.95 17.33 -9.97
N ALA A 34 -8.87 18.29 -9.86
CA ALA A 34 -10.18 18.14 -10.49
C ALA A 34 -10.05 17.93 -11.99
N LYS A 35 -9.09 18.61 -12.63
CA LYS A 35 -8.94 18.46 -14.07
C LYS A 35 -8.33 17.10 -14.39
N LEU A 36 -7.44 16.61 -13.53
CA LEU A 36 -6.84 15.30 -13.75
C LEU A 36 -7.87 14.19 -13.60
N GLU A 37 -8.74 14.28 -12.58
CA GLU A 37 -9.71 13.21 -12.46
C GLU A 37 -10.80 13.32 -13.51
N GLN A 38 -11.03 14.51 -14.07
CA GLN A 38 -12.00 14.61 -15.17
C GLN A 38 -11.44 13.99 -16.45
N ASP A 39 -10.14 14.16 -16.72
CA ASP A 39 -9.53 13.46 -17.85
C ASP A 39 -9.51 11.96 -17.62
N PHE A 40 -9.26 11.53 -16.38
CA PHE A 40 -9.25 10.11 -16.06
C PHE A 40 -10.64 9.50 -16.18
N GLY A 41 -11.67 10.28 -15.87
CA GLY A 41 -13.03 9.78 -15.91
C GLY A 41 -13.48 9.07 -14.64
N GLY A 42 -12.86 9.39 -13.51
CA GLY A 42 -13.19 8.73 -12.25
C GLY A 42 -12.91 9.64 -11.09
N SER A 43 -12.51 9.05 -9.97
CA SER A 43 -12.19 9.78 -8.77
C SER A 43 -10.77 9.48 -8.35
N ILE A 44 -10.07 10.51 -7.87
CA ILE A 44 -8.70 10.38 -7.39
C ILE A 44 -8.67 10.91 -5.97
N GLY A 45 -8.09 10.14 -5.06
CA GLY A 45 -7.89 10.60 -3.71
C GLY A 45 -6.42 10.64 -3.36
N VAL A 46 -5.96 11.74 -2.79
CA VAL A 46 -4.54 11.99 -2.58
C VAL A 46 -4.37 12.58 -1.18
N TYR A 47 -3.39 12.07 -0.45
CA TYR A 47 -2.94 12.72 0.77
C TYR A 47 -1.42 12.66 0.79
N ALA A 48 -0.79 13.77 1.14
CA ALA A 48 0.66 13.81 1.18
C ALA A 48 1.08 14.70 2.34
N MET A 49 2.11 14.29 3.06
CA MET A 49 2.58 15.07 4.20
C MET A 49 4.09 15.18 4.15
N ASP A 50 4.57 16.42 4.28
CA ASP A 50 5.99 16.69 4.44
C ASP A 50 6.32 16.52 5.92
N THR A 51 7.08 15.47 6.26
CA THR A 51 7.36 15.21 7.67
C THR A 51 8.27 16.27 8.26
N GLY A 52 8.98 17.04 7.43
CA GLY A 52 9.81 18.11 7.94
C GLY A 52 8.98 19.30 8.40
N SER A 53 8.21 19.87 7.47
CA SER A 53 7.45 21.08 7.76
C SER A 53 6.06 20.81 8.31
N GLY A 54 5.53 19.60 8.12
CA GLY A 54 4.17 19.33 8.53
C GLY A 54 3.11 19.74 7.53
N ALA A 55 3.51 20.38 6.42
CA ALA A 55 2.56 20.74 5.39
C ALA A 55 1.87 19.49 4.84
N THR A 56 0.60 19.64 4.49
CA THR A 56 -0.15 18.54 3.91
C THR A 56 -0.89 19.03 2.67
N VAL A 57 -1.13 18.09 1.75
CA VAL A 57 -1.97 18.29 0.59
C VAL A 57 -3.06 17.22 0.64
N SER A 58 -4.32 17.64 0.45
CA SER A 58 -5.46 16.75 0.68
C SER A 58 -6.46 16.92 -0.45
N TYR A 59 -6.77 15.84 -1.17
CA TYR A 59 -7.80 15.88 -2.20
C TYR A 59 -8.60 14.60 -2.12
N ARG A 60 -9.87 14.69 -1.72
CA ARG A 60 -10.70 13.50 -1.49
C ARG A 60 -10.00 12.55 -0.52
N ALA A 61 -9.22 13.12 0.41
CA ALA A 61 -8.32 12.26 1.18
C ALA A 61 -9.04 11.48 2.28
N GLU A 62 -10.28 11.84 2.61
CA GLU A 62 -11.01 11.10 3.63
C GLU A 62 -12.13 10.26 3.02
N GLU A 63 -12.22 10.19 1.70
CA GLU A 63 -13.14 9.28 1.03
C GLU A 63 -12.56 7.86 1.05
N ARG A 64 -13.45 6.86 1.01
CA ARG A 64 -13.00 5.48 0.97
C ARG A 64 -12.69 5.03 -0.45
N PHE A 65 -11.58 4.32 -0.60
CA PHE A 65 -11.14 3.71 -1.85
C PHE A 65 -10.76 2.27 -1.58
N PRO A 66 -10.97 1.36 -2.54
CA PRO A 66 -10.55 -0.02 -2.33
C PRO A 66 -9.04 -0.10 -2.14
N LEU A 67 -8.64 -0.96 -1.19
CA LEU A 67 -7.22 -1.18 -0.92
C LEU A 67 -6.54 -1.95 -2.03
N CYS A 68 -7.24 -2.92 -2.63
CA CYS A 68 -6.64 -3.83 -3.60
C CYS A 68 -5.41 -4.46 -2.94
N SER A 69 -4.40 -4.79 -3.72
CA SER A 69 -3.20 -5.39 -3.15
C SER A 69 -2.43 -4.48 -2.21
N SER A 70 -2.78 -3.20 -2.06
CA SER A 70 -1.95 -2.36 -1.18
C SER A 70 -2.08 -2.76 0.28
N PHE A 71 -3.09 -3.56 0.66
CA PHE A 71 -3.13 -4.07 2.02
C PHE A 71 -1.90 -4.91 2.36
N LYS A 72 -1.22 -5.46 1.35
CA LYS A 72 -0.12 -6.39 1.63
C LYS A 72 1.05 -5.68 2.31
N GLY A 73 1.20 -4.37 2.10
CA GLY A 73 2.24 -3.65 2.84
C GLY A 73 1.96 -3.64 4.33
N PHE A 74 0.73 -3.29 4.71
CA PHE A 74 0.37 -3.30 6.12
C PHE A 74 0.39 -4.71 6.69
N LEU A 75 0.08 -5.72 5.86
CA LEU A 75 0.16 -7.10 6.31
C LEU A 75 1.58 -7.45 6.75
N ALA A 76 2.57 -7.05 5.94
CA ALA A 76 3.95 -7.32 6.31
C ALA A 76 4.33 -6.59 7.59
N ALA A 77 3.84 -5.37 7.75
CA ALA A 77 4.07 -4.64 8.99
C ALA A 77 3.48 -5.37 10.18
N ALA A 78 2.29 -5.95 10.01
CA ALA A 78 1.66 -6.69 11.10
C ALA A 78 2.44 -7.95 11.44
N VAL A 79 3.02 -8.59 10.43
CA VAL A 79 3.90 -9.74 10.68
C VAL A 79 5.13 -9.31 11.46
N LEU A 80 5.73 -8.19 11.04
CA LEU A 80 6.91 -7.68 11.76
C LEU A 80 6.55 -7.34 13.20
N ALA A 81 5.40 -6.69 13.42
CA ALA A 81 4.96 -6.40 14.78
C ALA A 81 4.90 -7.68 15.62
N ARG A 82 4.25 -8.73 15.09
CA ARG A 82 4.16 -9.98 15.83
C ARG A 82 5.54 -10.55 16.11
N SER A 83 6.47 -10.39 15.17
CA SER A 83 7.81 -10.94 15.34
C SER A 83 8.56 -10.30 16.52
N GLN A 84 8.07 -9.17 17.04
CA GLN A 84 8.66 -8.56 18.22
C GLN A 84 8.37 -9.38 19.48
N GLN A 85 7.21 -10.03 19.52
CA GLN A 85 6.83 -10.88 20.65
C GLN A 85 7.23 -12.33 20.43
N GLN A 86 7.24 -12.80 19.18
CA GLN A 86 7.50 -14.21 18.86
C GLN A 86 8.88 -14.34 18.26
N ALA A 87 9.84 -14.78 19.07
CA ALA A 87 11.21 -14.96 18.60
C ALA A 87 11.26 -15.90 17.41
N GLY A 88 11.98 -15.51 16.37
CA GLY A 88 12.20 -16.37 15.24
C GLY A 88 11.03 -16.55 14.30
N LEU A 89 9.95 -15.78 14.46
CA LEU A 89 8.81 -15.91 13.57
C LEU A 89 9.23 -15.76 12.11
N LEU A 90 10.07 -14.77 11.81
CA LEU A 90 10.46 -14.48 10.44
C LEU A 90 11.17 -15.66 9.77
N ASP A 91 11.89 -16.48 10.54
CA ASP A 91 12.62 -17.58 9.94
C ASP A 91 11.83 -18.89 9.92
N THR A 92 10.56 -18.86 10.32
CA THR A 92 9.76 -20.08 10.33
C THR A 92 9.49 -20.54 8.90
N PRO A 93 9.80 -21.78 8.56
CA PRO A 93 9.41 -22.29 7.24
C PRO A 93 7.92 -22.62 7.22
N ILE A 94 7.27 -22.25 6.11
CA ILE A 94 5.86 -22.50 5.87
C ILE A 94 5.75 -23.41 4.66
N ARG A 95 5.19 -24.60 4.85
CA ARG A 95 4.94 -25.49 3.73
C ARG A 95 3.48 -25.35 3.31
N TYR A 96 3.25 -25.37 2.00
CA TYR A 96 1.91 -25.21 1.47
C TYR A 96 1.71 -26.18 0.32
N GLY A 97 0.46 -26.60 0.15
CA GLY A 97 0.10 -27.43 -0.96
C GLY A 97 -0.34 -26.60 -2.16
N LYS A 98 -0.55 -27.28 -3.28
CA LYS A 98 -0.90 -26.56 -4.49
C LYS A 98 -2.27 -25.89 -4.39
N ASN A 99 -3.11 -26.39 -3.50
CA ASN A 99 -4.41 -25.78 -3.24
C ASN A 99 -4.27 -24.40 -2.58
N ALA A 100 -3.11 -24.07 -2.03
CA ALA A 100 -2.86 -22.73 -1.52
C ALA A 100 -2.50 -21.74 -2.61
N LEU A 101 -2.17 -22.21 -3.82
CA LEU A 101 -1.79 -21.31 -4.89
C LEU A 101 -3.03 -20.67 -5.47
N VAL A 102 -2.99 -19.35 -5.62
CA VAL A 102 -4.05 -18.60 -6.29
C VAL A 102 -3.40 -17.84 -7.43
N PRO A 103 -4.17 -17.42 -8.43
CA PRO A 103 -3.58 -16.76 -9.60
C PRO A 103 -2.70 -15.58 -9.19
N TRP A 104 -1.65 -15.35 -9.99
CA TRP A 104 -0.70 -14.25 -9.77
C TRP A 104 0.02 -14.40 -8.43
N SER A 105 0.75 -15.51 -8.34
CA SER A 105 1.61 -15.81 -7.21
C SER A 105 2.99 -16.13 -7.78
N PRO A 106 3.68 -15.12 -8.32
CA PRO A 106 4.90 -15.39 -9.10
C PRO A 106 6.07 -15.93 -8.29
N ILE A 107 6.10 -15.68 -6.98
CA ILE A 107 7.19 -16.19 -6.16
C ILE A 107 6.83 -17.51 -5.52
N SER A 108 5.68 -17.58 -4.84
CA SER A 108 5.36 -18.78 -4.09
C SER A 108 5.14 -19.99 -4.98
N GLU A 109 4.79 -19.79 -6.25
CA GLU A 109 4.64 -20.95 -7.10
C GLU A 109 5.98 -21.59 -7.47
N LYS A 110 7.08 -20.83 -7.36
CA LYS A 110 8.41 -21.38 -7.61
C LYS A 110 8.96 -22.17 -6.43
N TYR A 111 8.36 -22.03 -5.25
CA TYR A 111 8.81 -22.70 -4.04
C TYR A 111 7.74 -23.64 -3.49
N LEU A 112 6.78 -24.02 -4.34
CA LEU A 112 5.72 -24.92 -3.89
C LEU A 112 6.28 -26.26 -3.44
N THR A 113 7.27 -26.78 -4.15
CA THR A 113 7.80 -28.08 -3.80
C THR A 113 8.77 -28.02 -2.63
N THR A 114 9.06 -26.83 -2.10
CA THR A 114 10.06 -26.68 -1.05
C THR A 114 9.54 -25.92 0.16
N GLY A 115 8.57 -25.02 -0.05
CA GLY A 115 8.13 -24.09 0.97
C GLY A 115 8.99 -22.82 1.04
N MET A 116 8.54 -21.86 1.85
CA MET A 116 9.29 -20.62 2.09
C MET A 116 9.14 -20.18 3.55
N THR A 117 10.06 -19.32 3.96
CA THR A 117 9.96 -18.75 5.30
C THR A 117 8.94 -17.63 5.34
N VAL A 118 8.50 -17.31 6.56
CA VAL A 118 7.59 -16.19 6.79
C VAL A 118 8.18 -14.90 6.23
N ALA A 119 9.47 -14.68 6.44
CA ALA A 119 10.10 -13.47 5.93
C ALA A 119 10.10 -13.45 4.41
N GLU A 120 10.30 -14.61 3.79
CA GLU A 120 10.27 -14.66 2.32
C GLU A 120 8.86 -14.44 1.80
N LEU A 121 7.86 -15.02 2.47
CA LEU A 121 6.48 -14.78 2.07
C LEU A 121 6.14 -13.31 2.19
N SER A 122 6.61 -12.66 3.26
CA SER A 122 6.31 -11.24 3.48
C SER A 122 6.93 -10.38 2.40
N ALA A 123 8.21 -10.63 2.09
CA ALA A 123 8.85 -9.91 1.00
C ALA A 123 8.15 -10.16 -0.33
N ALA A 124 7.72 -11.40 -0.59
CA ALA A 124 7.00 -11.69 -1.84
C ALA A 124 5.68 -10.93 -1.89
N ALA A 125 4.95 -10.88 -0.78
CA ALA A 125 3.69 -10.14 -0.76
C ALA A 125 3.93 -8.65 -1.00
N VAL A 126 5.00 -8.09 -0.43
CA VAL A 126 5.25 -6.67 -0.59
C VAL A 126 5.84 -6.36 -1.96
N GLN A 127 6.86 -7.13 -2.37
CA GLN A 127 7.64 -6.73 -3.55
C GLN A 127 7.13 -7.31 -4.86
N TYR A 128 6.31 -8.34 -4.79
CA TYR A 128 5.75 -8.92 -6.00
C TYR A 128 4.23 -9.07 -5.92
N SER A 129 3.65 -8.57 -4.83
CA SER A 129 2.21 -8.64 -4.59
C SER A 129 1.72 -10.08 -4.76
N ASP A 130 2.52 -11.03 -4.27
CA ASP A 130 2.23 -12.46 -4.38
C ASP A 130 0.95 -12.82 -3.62
N ASN A 131 -0.07 -13.29 -4.35
CA ASN A 131 -1.37 -13.49 -3.72
C ASN A 131 -1.37 -14.67 -2.75
N ALA A 132 -0.74 -15.78 -3.15
CA ALA A 132 -0.73 -16.93 -2.26
C ALA A 132 0.03 -16.61 -0.97
N ALA A 133 1.16 -15.89 -1.10
CA ALA A 133 1.91 -15.50 0.09
C ALA A 133 1.05 -14.65 1.02
N ALA A 134 0.30 -13.71 0.45
CA ALA A 134 -0.55 -12.85 1.26
C ALA A 134 -1.58 -13.67 2.03
N ASN A 135 -2.25 -14.61 1.35
CA ASN A 135 -3.26 -15.42 2.03
C ASN A 135 -2.62 -16.27 3.11
N LEU A 136 -1.42 -16.80 2.85
CA LEU A 136 -0.74 -17.59 3.87
C LEU A 136 -0.41 -16.76 5.10
N LEU A 137 0.07 -15.52 4.89
CA LEU A 137 0.36 -14.65 6.02
C LEU A 137 -0.91 -14.22 6.74
N LEU A 138 -1.97 -13.92 5.99
CA LEU A 138 -3.25 -13.57 6.61
C LEU A 138 -3.71 -14.67 7.55
N LYS A 139 -3.54 -15.91 7.14
CA LYS A 139 -4.01 -17.01 7.97
C LYS A 139 -3.22 -17.08 9.27
N GLU A 140 -1.92 -16.78 9.21
CA GLU A 140 -1.12 -16.76 10.44
C GLU A 140 -1.55 -15.65 11.38
N LEU A 141 -2.07 -14.55 10.84
CA LEU A 141 -2.49 -13.39 11.63
C LEU A 141 -3.90 -13.50 12.18
N GLY A 142 -4.66 -14.54 11.81
CA GLY A 142 -6.05 -14.58 12.17
C GLY A 142 -6.98 -14.00 11.14
N GLY A 143 -6.55 -13.91 9.88
CA GLY A 143 -7.43 -13.52 8.81
C GLY A 143 -7.61 -12.01 8.71
N PRO A 144 -8.56 -11.58 7.88
CA PRO A 144 -8.76 -10.13 7.67
C PRO A 144 -9.04 -9.37 8.95
N ALA A 145 -9.78 -9.96 9.89
CA ALA A 145 -10.00 -9.27 11.16
C ALA A 145 -8.70 -9.13 11.94
N GLY A 146 -7.77 -10.08 11.80
CA GLY A 146 -6.50 -9.96 12.50
C GLY A 146 -5.68 -8.77 12.00
N LEU A 147 -5.66 -8.57 10.68
CA LEU A 147 -4.95 -7.41 10.14
C LEU A 147 -5.66 -6.11 10.53
N THR A 148 -7.01 -6.09 10.43
CA THR A 148 -7.75 -4.92 10.87
C THR A 148 -7.43 -4.58 12.32
N ALA A 149 -7.38 -5.60 13.17
CA ALA A 149 -7.04 -5.39 14.57
C ALA A 149 -5.65 -4.79 14.73
N PHE A 150 -4.69 -5.21 13.90
CA PHE A 150 -3.38 -4.60 13.99
C PHE A 150 -3.45 -3.11 13.68
N MET A 151 -4.13 -2.74 12.59
CA MET A 151 -4.26 -1.31 12.26
C MET A 151 -5.01 -0.55 13.35
N ARG A 152 -6.00 -1.16 13.99
CA ARG A 152 -6.61 -0.49 15.13
C ARG A 152 -5.59 -0.23 16.21
N SER A 153 -4.65 -1.17 16.41
CA SER A 153 -3.71 -1.05 17.52
C SER A 153 -2.70 0.08 17.32
N ILE A 154 -2.45 0.50 16.07
CA ILE A 154 -1.59 1.66 15.85
C ILE A 154 -2.37 2.95 15.70
N GLY A 155 -3.69 2.92 15.89
CA GLY A 155 -4.48 4.13 15.85
C GLY A 155 -5.23 4.39 14.57
N ASP A 156 -5.32 3.41 13.67
CA ASP A 156 -6.02 3.56 12.39
C ASP A 156 -7.44 3.03 12.56
N THR A 157 -8.42 3.92 12.58
CA THR A 157 -9.82 3.53 12.71
C THR A 157 -10.56 3.48 11.38
N THR A 158 -9.89 3.78 10.27
CA THR A 158 -10.50 3.80 8.95
C THR A 158 -10.31 2.49 8.18
N PHE A 159 -9.11 1.92 8.25
CA PHE A 159 -8.78 0.69 7.54
C PHE A 159 -9.76 -0.42 7.86
N ARG A 160 -10.21 -1.12 6.82
CA ARG A 160 -10.88 -2.38 7.09
C ARG A 160 -10.56 -3.38 5.99
N LEU A 161 -10.09 -4.56 6.41
CA LEU A 161 -9.97 -5.70 5.52
C LEU A 161 -11.04 -6.70 5.92
N ASP A 162 -11.73 -7.23 4.93
CA ASP A 162 -12.90 -8.08 5.14
C ASP A 162 -12.78 -9.43 4.46
N ARG A 163 -12.04 -9.53 3.36
CA ARG A 163 -12.01 -10.74 2.54
C ARG A 163 -10.57 -11.10 2.24
N TRP A 164 -10.39 -12.22 1.54
CA TRP A 164 -9.07 -12.73 1.15
C TRP A 164 -8.83 -12.49 -0.33
N GLU A 165 -7.61 -12.76 -0.79
CA GLU A 165 -7.36 -12.77 -2.23
C GLU A 165 -8.02 -14.01 -2.81
N LEU A 166 -8.72 -13.86 -3.95
CA LEU A 166 -8.78 -12.66 -4.78
C LEU A 166 -10.11 -11.91 -4.61
N GLU A 167 -10.97 -12.43 -3.73
CA GLU A 167 -12.31 -11.86 -3.59
C GLU A 167 -12.28 -10.42 -3.11
N LEU A 168 -11.23 -10.02 -2.38
CA LEU A 168 -11.24 -8.67 -1.84
C LEU A 168 -11.12 -7.61 -2.92
N ALA A 169 -10.81 -7.99 -4.15
CA ALA A 169 -10.49 -7.02 -5.21
C ALA A 169 -11.70 -6.66 -6.08
N SER A 170 -12.93 -6.82 -5.57
CA SER A 170 -14.11 -6.59 -6.42
C SER A 170 -14.36 -5.10 -6.65
N ALA A 171 -13.92 -4.24 -5.73
CA ALA A 171 -13.95 -2.79 -5.93
C ALA A 171 -15.32 -2.26 -6.33
N ILE A 172 -16.36 -2.82 -5.70
CA ILE A 172 -17.74 -2.45 -6.08
C ILE A 172 -18.04 -1.02 -5.62
N PRO A 173 -18.63 -0.18 -6.48
CA PRO A 173 -18.91 1.21 -6.08
C PRO A 173 -19.81 1.28 -4.86
N GLY A 174 -19.37 2.06 -3.86
CA GLY A 174 -20.12 2.24 -2.63
C GLY A 174 -19.87 1.18 -1.57
N ASP A 175 -19.14 0.12 -1.89
CA ASP A 175 -18.88 -0.97 -0.97
C ASP A 175 -17.71 -0.59 -0.06
N ALA A 176 -17.96 -0.53 1.26
CA ALA A 176 -16.91 -0.18 2.20
C ALA A 176 -15.98 -1.35 2.54
N ARG A 177 -16.31 -2.57 2.14
CA ARG A 177 -15.42 -3.69 2.43
C ARG A 177 -14.05 -3.49 1.77
N ASP A 178 -12.99 -3.80 2.51
CA ASP A 178 -11.64 -3.85 1.92
C ASP A 178 -11.22 -2.47 1.43
N THR A 179 -11.48 -1.45 2.24
CA THR A 179 -11.18 -0.07 1.86
C THR A 179 -10.45 0.66 2.98
N SER A 180 -9.83 1.77 2.60
CA SER A 180 -9.38 2.75 3.57
C SER A 180 -9.45 4.11 2.89
N SER A 181 -8.89 5.12 3.54
CA SER A 181 -8.83 6.44 2.93
C SER A 181 -7.38 6.82 2.66
N PRO A 182 -7.13 7.69 1.69
CA PRO A 182 -5.73 8.09 1.44
C PRO A 182 -5.09 8.72 2.68
N ARG A 183 -5.86 9.49 3.46
CA ARG A 183 -5.27 10.10 4.65
C ARG A 183 -4.88 9.03 5.67
N ALA A 184 -5.76 8.05 5.91
CA ALA A 184 -5.46 7.04 6.93
C ALA A 184 -4.30 6.15 6.49
N VAL A 185 -4.23 5.85 5.19
CA VAL A 185 -3.10 5.07 4.67
C VAL A 185 -1.80 5.81 4.91
N THR A 186 -1.79 7.11 4.62
CA THR A 186 -0.58 7.90 4.77
C THR A 186 -0.19 8.01 6.24
N GLU A 187 -1.15 8.30 7.11
CA GLU A 187 -0.83 8.43 8.53
C GLU A 187 -0.30 7.12 9.10
N SER A 188 -0.87 5.98 8.68
CA SER A 188 -0.40 4.69 9.20
C SER A 188 0.96 4.35 8.66
N LEU A 189 1.17 4.59 7.37
CA LEU A 189 2.48 4.35 6.77
C LEU A 189 3.54 5.17 7.49
N GLN A 190 3.22 6.42 7.83
CA GLN A 190 4.17 7.26 8.56
C GLN A 190 4.52 6.63 9.91
N LYS A 191 3.51 6.20 10.67
CA LYS A 191 3.79 5.61 11.98
C LYS A 191 4.67 4.37 11.85
N LEU A 192 4.45 3.57 10.81
CA LEU A 192 5.14 2.29 10.70
C LEU A 192 6.57 2.44 10.18
N THR A 193 6.81 3.40 9.26
CA THR A 193 8.11 3.55 8.62
C THR A 193 8.98 4.61 9.26
N LEU A 194 8.39 5.63 9.87
CA LEU A 194 9.13 6.72 10.48
C LEU A 194 8.83 6.94 11.95
N GLY A 195 7.67 6.51 12.43
CA GLY A 195 7.30 6.68 13.82
C GLY A 195 7.72 5.52 14.68
N SER A 196 7.00 5.32 15.77
CA SER A 196 7.39 4.33 16.76
C SER A 196 6.42 3.16 16.82
N ALA A 197 5.63 2.96 15.75
CA ALA A 197 4.73 1.82 15.72
C ALA A 197 5.47 0.50 15.74
N LEU A 198 6.65 0.44 15.12
CA LEU A 198 7.49 -0.76 15.11
C LEU A 198 8.78 -0.51 15.88
N ALA A 199 9.32 -1.56 16.49
CA ALA A 199 10.64 -1.44 17.07
C ALA A 199 11.67 -1.20 15.98
N ALA A 200 12.79 -0.58 16.35
CA ALA A 200 13.79 -0.14 15.38
C ALA A 200 14.22 -1.21 14.38
N PRO A 201 14.58 -2.45 14.79
CA PRO A 201 14.93 -3.46 13.77
C PRO A 201 13.79 -3.81 12.84
N GLN A 202 12.58 -3.99 13.39
CA GLN A 202 11.43 -4.30 12.55
C GLN A 202 11.10 -3.13 11.62
N ARG A 203 11.19 -1.90 12.12
CA ARG A 203 10.92 -0.74 11.28
C ARG A 203 11.83 -0.70 10.06
N GLN A 204 13.14 -0.93 10.25
CA GLN A 204 14.05 -0.88 9.11
C GLN A 204 13.78 -2.02 8.14
N GLN A 205 13.42 -3.21 8.65
CA GLN A 205 13.04 -4.30 7.74
C GLN A 205 11.81 -3.95 6.90
N PHE A 206 10.83 -3.28 7.51
CA PHE A 206 9.67 -2.85 6.74
C PHE A 206 10.07 -1.89 5.63
N VAL A 207 10.90 -0.89 5.96
CA VAL A 207 11.36 0.08 4.98
C VAL A 207 12.14 -0.59 3.86
N ASP A 208 12.99 -1.55 4.21
CA ASP A 208 13.79 -2.21 3.17
C ASP A 208 12.93 -3.03 2.23
N TRP A 209 11.88 -3.69 2.77
CA TRP A 209 10.96 -4.41 1.89
C TRP A 209 10.25 -3.46 0.94
N LEU A 210 9.75 -2.33 1.47
CA LEU A 210 9.11 -1.34 0.60
C LEU A 210 10.08 -0.79 -0.44
N LYS A 211 11.34 -0.58 -0.06
CA LYS A 211 12.31 -0.06 -1.01
C LYS A 211 12.60 -1.04 -2.13
N GLY A 212 12.49 -2.35 -1.86
CA GLY A 212 12.71 -3.36 -2.87
C GLY A 212 11.51 -3.72 -3.71
N ASN A 213 10.43 -2.95 -3.64
CA ASN A 213 9.24 -3.28 -4.42
C ASN A 213 9.54 -3.20 -5.92
N THR A 214 9.00 -4.17 -6.67
CA THR A 214 9.25 -4.26 -8.11
C THR A 214 8.07 -3.84 -8.97
N THR A 215 6.92 -3.56 -8.38
CA THR A 215 5.68 -3.37 -9.14
C THR A 215 5.29 -1.91 -9.31
N GLY A 216 6.08 -0.98 -8.80
CA GLY A 216 5.64 0.40 -8.77
C GLY A 216 6.42 1.36 -9.63
N ASN A 217 7.17 0.84 -10.62
CA ASN A 217 8.08 1.71 -11.38
C ASN A 217 7.35 2.78 -12.17
N HIS A 218 6.07 2.59 -12.45
CA HIS A 218 5.30 3.54 -13.27
C HIS A 218 4.33 4.39 -12.46
N ARG A 219 4.39 4.32 -11.12
CA ARG A 219 3.43 5.07 -10.31
C ARG A 219 4.16 6.18 -9.55
N ILE A 220 4.17 6.16 -8.22
CA ILE A 220 4.83 7.23 -7.47
C ILE A 220 6.32 7.33 -7.85
N ARG A 221 6.96 6.18 -8.12
CA ARG A 221 8.39 6.22 -8.45
C ARG A 221 8.66 6.98 -9.75
N ALA A 222 7.69 6.98 -10.67
CA ALA A 222 7.87 7.75 -11.90
C ALA A 222 7.77 9.25 -11.66
N ALA A 223 7.30 9.67 -10.48
CA ALA A 223 7.07 11.08 -10.19
C ALA A 223 8.22 11.76 -9.45
N VAL A 224 9.19 11.00 -8.95
CA VAL A 224 10.22 11.61 -8.10
C VAL A 224 11.55 11.64 -8.83
N PRO A 225 12.49 12.51 -8.44
CA PRO A 225 13.81 12.54 -9.09
C PRO A 225 14.58 11.25 -8.91
N ALA A 226 15.55 11.06 -9.83
CA ALA A 226 16.28 9.80 -9.89
C ALA A 226 17.11 9.53 -8.63
N ASP A 227 17.51 10.58 -7.91
CA ASP A 227 18.38 10.37 -6.75
C ASP A 227 17.61 10.18 -5.45
N TRP A 228 16.29 10.24 -5.48
CA TRP A 228 15.48 10.03 -4.29
C TRP A 228 15.31 8.56 -4.00
N ALA A 229 15.39 8.20 -2.72
CA ALA A 229 15.03 6.84 -2.30
C ALA A 229 13.53 6.76 -2.12
N VAL A 230 12.96 5.61 -2.48
CA VAL A 230 11.53 5.42 -2.45
C VAL A 230 11.23 4.01 -1.95
N GLY A 231 10.30 3.88 -1.02
CA GLY A 231 9.71 2.59 -0.75
C GLY A 231 8.23 2.71 -1.03
N ASP A 232 7.63 1.79 -1.78
CA ASP A 232 6.21 1.90 -2.04
C ASP A 232 5.57 0.52 -2.05
N LYS A 233 4.23 0.53 -2.08
CA LYS A 233 3.40 -0.65 -2.27
C LYS A 233 2.24 -0.26 -3.16
N THR A 234 2.02 -1.02 -4.24
CA THR A 234 0.97 -0.75 -5.22
C THR A 234 -0.25 -1.64 -4.97
N GLY A 235 -1.38 -1.22 -5.54
CA GLY A 235 -2.56 -2.08 -5.58
C GLY A 235 -3.27 -1.93 -6.90
N THR A 236 -3.82 -3.02 -7.44
CA THR A 236 -4.50 -2.96 -8.73
C THR A 236 -5.69 -3.92 -8.70
N CYS A 237 -6.87 -3.40 -8.39
CA CYS A 237 -8.08 -4.18 -8.58
C CYS A 237 -8.41 -4.33 -10.05
N GLY A 238 -8.02 -3.35 -10.87
CA GLY A 238 -8.26 -3.38 -12.30
C GLY A 238 -9.67 -2.98 -12.69
N VAL A 239 -10.67 -3.72 -12.18
CA VAL A 239 -12.05 -3.37 -12.47
C VAL A 239 -12.33 -1.99 -11.87
N TYR A 240 -13.37 -1.34 -12.40
CA TYR A 240 -13.82 -0.03 -11.90
C TYR A 240 -12.66 0.97 -11.82
N GLY A 241 -11.74 0.88 -12.79
CA GLY A 241 -10.60 1.81 -12.86
C GLY A 241 -9.85 1.96 -11.56
N THR A 242 -9.75 0.88 -10.79
CA THR A 242 -9.31 0.98 -9.41
C THR A 242 -7.86 0.52 -9.25
N ALA A 243 -6.99 1.43 -8.82
CA ALA A 243 -5.58 1.13 -8.59
C ALA A 243 -5.02 2.21 -7.69
N ASN A 244 -3.84 1.96 -7.14
CA ASN A 244 -3.32 2.87 -6.14
C ASN A 244 -1.84 2.63 -5.91
N ASP A 245 -1.26 3.49 -5.09
CA ASP A 245 0.15 3.40 -4.72
C ASP A 245 0.32 4.24 -3.46
N TYR A 246 1.12 3.75 -2.50
CA TYR A 246 1.52 4.61 -1.40
C TYR A 246 3.01 4.47 -1.18
N ALA A 247 3.62 5.51 -0.62
CA ALA A 247 5.07 5.56 -0.60
C ALA A 247 5.58 6.47 0.49
N VAL A 248 6.77 6.12 1.00
CA VAL A 248 7.64 7.04 1.71
C VAL A 248 8.77 7.38 0.75
N VAL A 249 9.05 8.67 0.59
CA VAL A 249 10.09 9.12 -0.33
C VAL A 249 11.07 9.98 0.47
N TRP A 250 12.35 9.82 0.18
CA TRP A 250 13.39 10.57 0.87
C TRP A 250 14.08 11.52 -0.12
N PRO A 251 13.72 12.80 -0.14
CA PRO A 251 14.49 13.75 -0.94
C PRO A 251 15.90 13.85 -0.39
N THR A 252 16.88 13.92 -1.29
CA THR A 252 18.27 13.87 -0.88
C THR A 252 18.61 15.00 0.10
N GLY A 253 19.16 14.62 1.24
CA GLY A 253 19.50 15.56 2.29
C GLY A 253 18.32 16.28 2.93
N ARG A 254 17.12 15.70 2.88
CA ARG A 254 15.93 16.41 3.32
C ARG A 254 14.97 15.43 3.98
N ALA A 255 14.00 15.96 4.73
CA ALA A 255 13.08 15.15 5.50
C ALA A 255 12.15 14.36 4.58
N PRO A 256 11.78 13.14 4.97
CA PRO A 256 10.96 12.31 4.09
C PRO A 256 9.55 12.85 3.89
N ILE A 257 8.95 12.45 2.78
CA ILE A 257 7.57 12.75 2.43
C ILE A 257 6.83 11.42 2.41
N VAL A 258 5.59 11.41 2.89
CA VAL A 258 4.72 10.23 2.86
C VAL A 258 3.48 10.60 2.07
N LEU A 259 3.06 9.72 1.16
CA LEU A 259 1.91 10.04 0.33
C LEU A 259 1.20 8.77 -0.13
N ALA A 260 -0.06 8.95 -0.48
CA ALA A 260 -0.94 7.88 -0.95
C ALA A 260 -1.80 8.42 -2.08
N VAL A 261 -1.94 7.64 -3.15
CA VAL A 261 -2.72 8.02 -4.32
C VAL A 261 -3.63 6.85 -4.66
N TYR A 262 -4.93 7.06 -4.60
CA TYR A 262 -5.94 6.01 -4.84
C TYR A 262 -6.88 6.46 -5.94
N THR A 263 -7.32 5.53 -6.81
CA THR A 263 -8.26 5.88 -7.86
C THR A 263 -9.39 4.86 -7.92
N ARG A 264 -10.53 5.30 -8.46
CA ARG A 264 -11.62 4.40 -8.83
C ARG A 264 -12.42 5.09 -9.92
N ALA A 265 -13.30 4.34 -10.56
CA ALA A 265 -14.11 4.85 -11.66
C ALA A 265 -15.47 4.19 -11.61
N PRO A 266 -16.50 4.77 -12.27
CA PRO A 266 -17.88 4.30 -12.07
C PRO A 266 -18.25 2.99 -12.76
N ASN A 267 -17.59 2.65 -13.87
CA ASN A 267 -18.00 1.53 -14.69
C ASN A 267 -17.04 0.35 -14.48
N LYS A 268 -17.60 -0.87 -14.49
CA LYS A 268 -16.75 -2.03 -14.22
C LYS A 268 -15.63 -2.13 -15.25
N ASP A 269 -15.92 -1.77 -16.50
CA ASP A 269 -14.96 -1.90 -17.58
C ASP A 269 -14.05 -0.68 -17.70
N ASP A 270 -14.14 0.27 -16.78
CA ASP A 270 -13.26 1.43 -16.85
C ASP A 270 -11.86 0.92 -16.52
N LYS A 271 -10.89 1.37 -17.29
CA LYS A 271 -9.53 0.93 -17.07
C LYS A 271 -8.78 1.83 -16.11
N HIS A 272 -7.86 1.24 -15.35
CA HIS A 272 -7.04 2.01 -14.43
C HIS A 272 -5.90 2.65 -15.21
N SER A 273 -5.20 3.60 -14.61
CA SER A 273 -4.15 4.30 -15.34
C SER A 273 -2.99 4.54 -14.38
N GLU A 274 -1.85 3.91 -14.68
CA GLU A 274 -0.65 4.21 -13.90
C GLU A 274 -0.21 5.65 -14.13
N ALA A 275 -0.37 6.16 -15.35
CA ALA A 275 0.04 7.53 -15.65
C ALA A 275 -0.70 8.53 -14.77
N VAL A 276 -1.98 8.25 -14.48
CA VAL A 276 -2.77 9.15 -13.66
C VAL A 276 -2.25 9.16 -12.22
N ILE A 277 -1.84 7.99 -11.72
CA ILE A 277 -1.29 7.93 -10.37
C ILE A 277 0.01 8.71 -10.28
N ALA A 278 0.90 8.55 -11.27
CA ALA A 278 2.13 9.33 -11.30
C ALA A 278 1.84 10.82 -11.35
N ALA A 279 0.88 11.21 -12.20
CA ALA A 279 0.55 12.63 -12.35
C ALA A 279 -0.02 13.19 -11.06
N ALA A 280 -0.87 12.44 -10.38
CA ALA A 280 -1.38 12.88 -9.09
C ALA A 280 -0.26 13.03 -8.09
N ALA A 281 0.69 12.09 -8.07
CA ALA A 281 1.81 12.20 -7.16
C ALA A 281 2.63 13.45 -7.47
N ARG A 282 2.81 13.75 -8.75
CA ARG A 282 3.55 14.94 -9.13
C ARG A 282 2.87 16.19 -8.59
N LEU A 283 1.55 16.27 -8.72
CA LEU A 283 0.82 17.45 -8.23
C LEU A 283 0.93 17.57 -6.72
N ALA A 284 0.83 16.45 -5.99
CA ALA A 284 0.96 16.47 -4.53
C ALA A 284 2.33 17.01 -4.12
N LEU A 285 3.39 16.55 -4.79
CA LEU A 285 4.72 17.05 -4.46
C LEU A 285 4.87 18.51 -4.84
N GLU A 286 4.31 18.91 -5.98
CA GLU A 286 4.30 20.33 -6.34
C GLU A 286 3.56 21.15 -5.31
N GLY A 287 2.42 20.65 -4.83
CA GLY A 287 1.66 21.35 -3.81
C GLY A 287 2.39 21.47 -2.49
N LEU A 288 3.22 20.48 -2.16
CA LEU A 288 4.00 20.53 -0.93
C LEU A 288 5.16 21.51 -1.00
N GLY A 289 5.55 21.94 -2.20
CA GLY A 289 6.67 22.83 -2.38
C GLY A 289 7.97 22.16 -2.74
N VAL A 290 7.93 21.05 -3.49
CA VAL A 290 9.16 20.36 -3.84
C VAL A 290 9.43 20.47 -5.34
#